data_1B8U
#
_entry.id   1B8U
#
_cell.length_a   58.300
_cell.length_b   101.700
_cell.length_c   52.760
_cell.angle_alpha   90.00
_cell.angle_beta   90.00
_cell.angle_gamma   90.00
#
_symmetry.space_group_name_H-M   'P 21 21 2'
#
loop_
_entity.id
_entity.type
_entity.pdbx_description
1 polymer 'PROTEIN (MALATE DEHYDROGENASE)'
2 non-polymer 'OXALOACETATE ION'
3 non-polymer NICOTINAMIDE-ADENINE-DINUCLEOTIDE
4 water water
#
_entity_poly.entity_id   1
_entity_poly.type   'polypeptide(L)'
_entity_poly.pdbx_seq_one_letter_code
;MAKTPMRVAVTGAAGQICYSLLFRIANGDMLGKDQPVILQLLEIPNEKAQKALQGVMMEIDDCAFPLLAGMTAHADPMTA
FKDADVALLVGARPRGPGMERKDLLEANAQIFTVQGKAIDAVASRNIKVLVVGNPANTNAYIAMKSAPSLPAKNFTAMLR
LDHNRALSQIAAKTGKPVSSIEKLFVWGNHSPTMYADYRYAQIDGASVKDMINDDAWNRDTFLPTVGKRGAAIIDARGVS
SAASAANAAIDHIHDWVLGTAGKWTTMGIPSDGSYGIPEGVIFGFPVTTENGEYKIVQGLSIDAFSQERINVTLNELLEE
QNGVQHLLG
;
_entity_poly.pdbx_strand_id   A
#
# COMPACT_ATOMS: atom_id res chain seq x y z
N LYS A 3 -20.58 -9.38 14.80
CA LYS A 3 -19.86 -10.65 14.49
C LYS A 3 -18.42 -10.69 14.97
N THR A 4 -17.83 -11.87 14.83
CA THR A 4 -16.46 -12.15 15.23
C THR A 4 -15.55 -11.01 14.79
N PRO A 5 -15.00 -10.25 15.77
CA PRO A 5 -14.12 -9.14 15.44
C PRO A 5 -12.79 -9.64 14.90
N MET A 6 -12.26 -8.94 13.90
CA MET A 6 -10.99 -9.33 13.35
C MET A 6 -9.92 -8.59 14.12
N ARG A 7 -8.71 -9.15 14.18
CA ARG A 7 -7.62 -8.50 14.90
C ARG A 7 -6.69 -7.80 13.91
N VAL A 8 -6.73 -6.47 13.92
CA VAL A 8 -5.92 -5.65 13.03
C VAL A 8 -4.69 -5.11 13.70
N ALA A 9 -3.52 -5.61 13.30
CA ALA A 9 -2.28 -5.12 13.84
C ALA A 9 -1.79 -3.98 12.95
N VAL A 10 -1.44 -2.82 13.52
CA VAL A 10 -0.97 -1.70 12.71
C VAL A 10 0.32 -1.18 13.31
N THR A 11 1.32 -1.03 12.43
CA THR A 11 2.67 -0.56 12.75
C THR A 11 2.83 0.94 12.65
N GLY A 12 3.82 1.48 13.38
CA GLY A 12 4.09 2.91 13.39
C GLY A 12 2.92 3.72 13.89
N ALA A 13 2.07 3.07 14.69
CA ALA A 13 0.87 3.65 15.22
C ALA A 13 0.96 5.07 15.75
N ALA A 14 2.12 5.48 16.27
CA ALA A 14 2.23 6.83 16.79
C ALA A 14 2.55 7.90 15.75
N GLY A 15 2.76 7.47 14.49
CA GLY A 15 3.08 8.37 13.39
C GLY A 15 1.93 9.07 12.69
N GLN A 16 2.25 9.85 11.65
CA GLN A 16 1.23 10.61 10.90
C GLN A 16 0.19 9.81 10.13
N ILE A 17 0.61 8.88 9.26
CA ILE A 17 -0.34 8.09 8.51
C ILE A 17 -1.38 7.45 9.43
N CYS A 18 -0.88 6.85 10.50
CA CYS A 18 -1.72 6.18 11.47
C CYS A 18 -2.70 7.10 12.19
N TYR A 19 -2.29 8.34 12.46
CA TYR A 19 -3.19 9.28 13.12
C TYR A 19 -4.47 9.51 12.30
N SER A 20 -4.36 9.36 10.99
CA SER A 20 -5.50 9.50 10.06
C SER A 20 -6.10 8.12 9.81
N LEU A 21 -5.24 7.11 9.78
CA LEU A 21 -5.63 5.72 9.53
C LEU A 21 -6.42 5.04 10.64
N LEU A 22 -5.90 5.07 11.85
CA LEU A 22 -6.51 4.41 13.01
C LEU A 22 -7.96 4.67 13.39
N PHE A 23 -8.39 5.94 13.29
CA PHE A 23 -9.75 6.34 13.62
C PHE A 23 -10.82 5.91 12.59
N ARG A 24 -10.38 5.68 11.35
CA ARG A 24 -11.26 5.24 10.28
C ARG A 24 -11.34 3.74 10.29
N ILE A 25 -10.31 3.10 10.84
CA ILE A 25 -10.33 1.65 10.93
C ILE A 25 -11.34 1.35 12.02
N ALA A 26 -11.17 2.02 13.17
CA ALA A 26 -12.07 1.84 14.32
C ALA A 26 -13.51 2.18 13.98
N ASN A 27 -13.69 3.19 13.11
CA ASN A 27 -14.99 3.69 12.63
C ASN A 27 -15.63 2.66 11.67
N GLY A 28 -14.85 1.69 11.20
CA GLY A 28 -15.38 0.67 10.32
C GLY A 28 -15.22 0.88 8.82
N ASP A 29 -14.41 1.86 8.43
CA ASP A 29 -14.19 2.17 7.02
C ASP A 29 -13.43 1.11 6.25
N MET A 30 -12.62 0.34 6.93
CA MET A 30 -11.79 -0.64 6.26
C MET A 30 -12.34 -2.05 6.07
N LEU A 31 -13.19 -2.51 6.95
CA LEU A 31 -13.70 -3.86 6.82
C LEU A 31 -15.22 -3.96 6.92
N GLY A 32 -15.91 -2.83 6.81
CA GLY A 32 -17.35 -2.86 6.90
C GLY A 32 -17.88 -2.33 8.22
N LYS A 33 -19.11 -1.84 8.21
CA LYS A 33 -19.71 -1.28 9.42
C LYS A 33 -20.24 -2.30 10.43
N ASP A 34 -20.41 -3.55 9.99
CA ASP A 34 -20.91 -4.60 10.86
C ASP A 34 -19.78 -5.49 11.39
N GLN A 35 -18.55 -5.03 11.20
CA GLN A 35 -17.38 -5.80 11.61
C GLN A 35 -16.55 -5.15 12.72
N PRO A 36 -16.64 -5.68 13.94
CA PRO A 36 -15.88 -5.13 15.06
C PRO A 36 -14.39 -5.38 14.84
N VAL A 37 -13.54 -4.56 15.44
CA VAL A 37 -12.10 -4.73 15.30
C VAL A 37 -11.29 -4.64 16.59
N ILE A 38 -10.22 -5.41 16.65
CA ILE A 38 -9.32 -5.36 17.78
C ILE A 38 -8.01 -4.80 17.23
N LEU A 39 -7.65 -3.58 17.63
CA LEU A 39 -6.42 -2.99 17.13
C LEU A 39 -5.29 -3.44 18.04
N GLN A 40 -4.17 -3.80 17.44
CA GLN A 40 -2.98 -4.23 18.18
C GLN A 40 -1.88 -3.35 17.60
N LEU A 41 -1.60 -2.24 18.28
CA LEU A 41 -0.63 -1.24 17.84
C LEU A 41 0.84 -1.46 18.18
N LEU A 42 1.71 -1.19 17.21
CA LEU A 42 3.15 -1.36 17.37
C LEU A 42 3.95 -0.09 17.03
N GLU A 43 4.82 0.29 17.95
CA GLU A 43 5.70 1.44 17.81
C GLU A 43 7.06 0.99 18.29
N ILE A 44 8.10 1.78 18.04
CA ILE A 44 9.41 1.41 18.51
C ILE A 44 9.34 1.43 20.04
N PRO A 45 10.19 0.67 20.73
CA PRO A 45 10.17 0.63 22.19
C PRO A 45 10.55 1.90 22.98
N ASN A 46 10.94 2.96 22.28
CA ASN A 46 11.35 4.20 22.97
C ASN A 46 10.21 4.82 23.76
N GLU A 47 10.53 5.41 24.90
CA GLU A 47 9.51 6.03 25.75
C GLU A 47 8.69 7.14 25.10
N LYS A 48 9.36 7.98 24.30
CA LYS A 48 8.68 9.08 23.63
C LYS A 48 7.70 8.58 22.56
N ALA A 49 8.02 7.44 21.94
CA ALA A 49 7.17 6.83 20.92
C ALA A 49 5.97 6.19 21.57
N GLN A 50 6.24 5.38 22.57
CA GLN A 50 5.20 4.67 23.29
C GLN A 50 4.27 5.63 24.03
N LYS A 51 4.83 6.71 24.56
CA LYS A 51 4.04 7.72 25.25
C LYS A 51 3.05 8.28 24.27
N ALA A 52 3.58 8.68 23.10
CA ALA A 52 2.76 9.23 22.05
C ALA A 52 1.69 8.21 21.65
N LEU A 53 2.10 6.94 21.58
CA LEU A 53 1.19 5.85 21.24
C LEU A 53 0.11 5.70 22.31
N GLN A 54 0.43 6.13 23.52
CA GLN A 54 -0.52 6.06 24.62
C GLN A 54 -1.58 7.14 24.38
N GLY A 55 -1.12 8.36 24.06
CA GLY A 55 -2.01 9.47 23.81
C GLY A 55 -2.97 9.22 22.66
N VAL A 56 -2.47 8.59 21.60
CA VAL A 56 -3.31 8.29 20.43
C VAL A 56 -4.41 7.31 20.84
N MET A 57 -4.06 6.34 21.67
CA MET A 57 -5.04 5.37 22.16
C MET A 57 -6.09 6.08 23.01
N MET A 58 -5.66 7.06 23.82
CA MET A 58 -6.58 7.82 24.65
C MET A 58 -7.57 8.57 23.77
N GLU A 59 -7.08 9.04 22.62
CA GLU A 59 -7.91 9.76 21.68
C GLU A 59 -8.88 8.84 20.98
N ILE A 60 -8.44 7.64 20.60
CA ILE A 60 -9.32 6.70 19.92
C ILE A 60 -10.48 6.35 20.81
N ASP A 61 -10.21 6.23 22.11
CA ASP A 61 -11.28 5.92 23.07
C ASP A 61 -12.24 7.10 23.19
N ASP A 62 -11.67 8.30 23.18
CA ASP A 62 -12.45 9.52 23.29
C ASP A 62 -13.43 9.73 22.15
N CYS A 63 -13.48 8.81 21.19
CA CYS A 63 -14.40 8.92 20.06
C CYS A 63 -15.56 7.99 20.24
N ALA A 64 -15.49 7.14 21.26
CA ALA A 64 -16.55 6.17 21.54
C ALA A 64 -16.98 5.32 20.32
N PHE A 65 -16.01 4.73 19.61
CA PHE A 65 -16.28 3.89 18.43
C PHE A 65 -16.94 2.56 18.88
N PRO A 66 -18.20 2.31 18.48
CA PRO A 66 -18.89 1.08 18.86
C PRO A 66 -18.31 -0.19 18.24
N LEU A 67 -17.51 -0.06 17.19
CA LEU A 67 -16.90 -1.22 16.54
C LEU A 67 -15.59 -1.66 17.17
N LEU A 68 -14.94 -0.76 17.91
CA LEU A 68 -13.67 -1.07 18.53
C LEU A 68 -13.79 -2.05 19.70
N ALA A 69 -13.68 -3.35 19.43
CA ALA A 69 -13.81 -4.35 20.50
C ALA A 69 -12.55 -4.53 21.36
N GLY A 70 -11.52 -3.73 21.10
CA GLY A 70 -10.31 -3.86 21.88
C GLY A 70 -9.18 -3.07 21.25
N MET A 71 -8.15 -2.76 22.03
CA MET A 71 -7.01 -1.99 21.57
C MET A 71 -5.83 -2.04 22.55
N THR A 72 -4.70 -2.55 22.08
CA THR A 72 -3.51 -2.70 22.91
C THR A 72 -2.28 -2.11 22.24
N ALA A 73 -1.36 -1.62 23.07
CA ALA A 73 -0.13 -1.04 22.56
C ALA A 73 0.98 -2.03 22.78
N HIS A 74 1.89 -2.14 21.81
CA HIS A 74 3.01 -3.08 21.88
C HIS A 74 4.33 -2.39 21.57
N ALA A 75 5.42 -3.09 21.84
CA ALA A 75 6.78 -2.61 21.58
C ALA A 75 7.52 -3.76 20.91
N ASP A 76 6.85 -4.90 20.85
CA ASP A 76 7.43 -6.10 20.28
C ASP A 76 6.49 -6.55 19.18
N PRO A 77 7.04 -6.79 17.99
CA PRO A 77 6.23 -7.24 16.86
C PRO A 77 5.68 -8.63 17.17
N MET A 78 6.47 -9.40 17.92
CA MET A 78 6.13 -10.76 18.34
C MET A 78 4.82 -10.82 19.12
N THR A 79 4.54 -9.78 19.89
CA THR A 79 3.29 -9.71 20.62
C THR A 79 2.23 -8.94 19.81
N ALA A 80 2.63 -7.88 19.10
CA ALA A 80 1.67 -7.10 18.33
C ALA A 80 1.05 -7.86 17.19
N PHE A 81 1.75 -8.88 16.69
CA PHE A 81 1.23 -9.68 15.59
C PHE A 81 0.40 -10.90 15.98
N LYS A 82 0.32 -11.18 17.29
CA LYS A 82 -0.43 -12.33 17.79
C LYS A 82 -1.86 -12.42 17.26
N ASP A 83 -2.14 -13.54 16.58
CA ASP A 83 -3.44 -13.83 15.97
C ASP A 83 -4.03 -12.74 15.09
N ALA A 84 -3.16 -12.02 14.39
CA ALA A 84 -3.59 -10.94 13.50
C ALA A 84 -4.18 -11.44 12.19
N ASP A 85 -5.36 -10.94 11.81
CA ASP A 85 -6.01 -11.34 10.57
C ASP A 85 -5.52 -10.41 9.45
N VAL A 86 -5.19 -9.18 9.83
CA VAL A 86 -4.71 -8.18 8.89
C VAL A 86 -3.55 -7.42 9.53
N ALA A 87 -2.56 -7.08 8.72
CA ALA A 87 -1.43 -6.33 9.25
C ALA A 87 -1.06 -5.19 8.33
N LEU A 88 -1.13 -3.97 8.84
CA LEU A 88 -0.74 -2.82 8.05
C LEU A 88 0.62 -2.41 8.56
N LEU A 89 1.62 -2.63 7.72
CA LEU A 89 2.98 -2.30 8.10
C LEU A 89 3.28 -0.89 7.58
N VAL A 90 2.93 0.09 8.42
CA VAL A 90 3.12 1.49 8.09
C VAL A 90 4.46 2.05 8.58
N GLY A 91 4.97 1.49 9.67
CA GLY A 91 6.22 1.95 10.22
C GLY A 91 7.41 1.50 9.41
N ALA A 92 8.33 2.43 9.18
CA ALA A 92 9.54 2.15 8.43
C ALA A 92 10.57 3.22 8.79
N ARG A 93 11.82 2.89 8.57
CA ARG A 93 12.90 3.79 8.89
C ARG A 93 13.04 4.89 7.84
N PRO A 94 12.92 6.16 8.27
CA PRO A 94 13.06 7.28 7.34
C PRO A 94 14.53 7.43 6.95
N ARG A 95 14.73 7.86 5.70
CA ARG A 95 16.05 8.09 5.13
C ARG A 95 16.52 9.43 5.68
N GLY A 96 17.24 9.35 6.80
CA GLY A 96 17.73 10.56 7.44
C GLY A 96 18.94 11.16 6.74
N PRO A 97 19.53 12.22 7.31
CA PRO A 97 20.70 12.95 6.80
C PRO A 97 21.94 12.06 6.64
N GLY A 98 22.45 12.02 5.41
CA GLY A 98 23.62 11.19 5.14
C GLY A 98 23.25 9.80 4.66
N MET A 99 21.96 9.46 4.78
CA MET A 99 21.50 8.14 4.37
C MET A 99 21.44 7.92 2.87
N GLU A 100 22.41 7.18 2.35
CA GLU A 100 22.44 6.85 0.92
C GLU A 100 21.34 5.83 0.69
N ARG A 101 20.97 5.62 -0.57
CA ARG A 101 19.91 4.68 -0.91
C ARG A 101 20.20 3.35 -0.23
N LYS A 102 21.48 3.01 -0.14
CA LYS A 102 21.90 1.75 0.47
C LYS A 102 21.73 1.73 1.97
N ASP A 103 21.85 2.88 2.62
CA ASP A 103 21.66 2.94 4.06
C ASP A 103 20.17 2.77 4.37
N LEU A 104 19.32 3.23 3.44
CA LEU A 104 17.89 3.10 3.62
C LEU A 104 17.47 1.63 3.53
N LEU A 105 17.74 1.00 2.39
CA LEU A 105 17.40 -0.41 2.16
C LEU A 105 17.91 -1.36 3.26
N GLU A 106 19.13 -1.10 3.75
CA GLU A 106 19.75 -1.91 4.79
C GLU A 106 19.00 -1.76 6.12
N ALA A 107 18.65 -0.51 6.46
CA ALA A 107 17.92 -0.20 7.69
C ALA A 107 16.54 -0.83 7.68
N ASN A 108 15.79 -0.57 6.61
CA ASN A 108 14.44 -1.07 6.43
C ASN A 108 14.36 -2.55 6.20
N ALA A 109 15.43 -3.13 5.70
CA ALA A 109 15.47 -4.56 5.47
C ALA A 109 15.41 -5.22 6.81
N GLN A 110 16.16 -4.69 7.73
CA GLN A 110 16.33 -5.25 9.08
C GLN A 110 15.05 -5.06 9.89
N ILE A 111 14.17 -4.13 9.50
CA ILE A 111 12.90 -3.95 10.17
C ILE A 111 11.94 -5.01 9.64
N PHE A 112 11.96 -5.21 8.32
CA PHE A 112 11.05 -6.15 7.71
C PHE A 112 11.33 -7.65 7.75
N THR A 113 12.57 -8.05 8.01
CA THR A 113 12.87 -9.48 8.15
C THR A 113 12.35 -9.90 9.54
N VAL A 114 12.63 -9.03 10.51
CA VAL A 114 12.22 -9.21 11.89
C VAL A 114 10.70 -9.24 11.99
N GLN A 115 10.04 -8.25 11.40
CA GLN A 115 8.58 -8.17 11.41
C GLN A 115 7.98 -9.29 10.59
N GLY A 116 8.67 -9.67 9.53
CA GLY A 116 8.21 -10.75 8.68
C GLY A 116 8.30 -12.11 9.35
N LYS A 117 9.31 -12.31 10.19
CA LYS A 117 9.47 -13.58 10.91
C LYS A 117 8.46 -13.68 12.05
N ALA A 118 8.09 -12.53 12.64
CA ALA A 118 7.12 -12.49 13.73
C ALA A 118 5.69 -12.77 13.19
N ILE A 119 5.34 -12.20 12.05
CA ILE A 119 4.03 -12.45 11.43
C ILE A 119 3.96 -13.95 11.10
N ASP A 120 5.05 -14.41 10.50
CA ASP A 120 5.23 -15.80 10.10
C ASP A 120 4.96 -16.74 11.27
N ALA A 121 5.48 -16.34 12.43
CA ALA A 121 5.35 -17.09 13.68
C ALA A 121 4.02 -17.04 14.45
N VAL A 122 3.50 -15.84 14.71
CA VAL A 122 2.30 -15.74 15.51
C VAL A 122 1.00 -15.25 14.89
N ALA A 123 1.09 -14.67 13.70
CA ALA A 123 -0.11 -14.16 13.06
C ALA A 123 -1.00 -15.30 12.59
N SER A 124 -2.16 -14.94 12.03
CA SER A 124 -3.09 -15.94 11.51
C SER A 124 -2.44 -16.69 10.35
N ARG A 125 -2.84 -17.94 10.14
CA ARG A 125 -2.28 -18.75 9.06
C ARG A 125 -2.58 -18.25 7.66
N ASN A 126 -3.44 -17.24 7.55
CA ASN A 126 -3.78 -16.64 6.27
C ASN A 126 -4.00 -15.13 6.42
N ILE A 127 -3.15 -14.51 7.22
CA ILE A 127 -3.19 -13.09 7.47
C ILE A 127 -2.98 -12.31 6.18
N LYS A 128 -3.66 -11.18 6.07
CA LYS A 128 -3.49 -10.32 4.95
C LYS A 128 -2.55 -9.26 5.43
N VAL A 129 -1.42 -9.16 4.75
CA VAL A 129 -0.41 -8.17 5.08
C VAL A 129 -0.45 -7.11 3.98
N LEU A 130 -0.12 -5.87 4.33
CA LEU A 130 -0.08 -4.76 3.40
C LEU A 130 1.02 -3.88 3.93
N VAL A 131 1.96 -3.53 3.05
CA VAL A 131 3.08 -2.67 3.41
C VAL A 131 2.94 -1.24 2.85
N VAL A 132 2.81 -0.28 3.78
CA VAL A 132 2.71 1.13 3.44
C VAL A 132 4.11 1.79 3.60
N GLY A 133 4.80 1.49 4.71
CA GLY A 133 6.12 2.04 4.96
C GLY A 133 7.09 1.90 3.79
N ASN A 134 7.75 2.96 3.40
CA ASN A 134 8.64 2.88 2.25
C ASN A 134 10.02 2.37 2.55
N PRO A 135 10.67 1.72 1.57
CA PRO A 135 10.15 1.47 0.21
C PRO A 135 9.16 0.30 0.22
N ALA A 136 7.88 0.63 0.11
CA ALA A 136 6.79 -0.34 0.16
C ALA A 136 6.97 -1.70 -0.51
N ASN A 137 7.18 -1.70 -1.82
CA ASN A 137 7.32 -2.93 -2.57
C ASN A 137 8.47 -3.81 -2.09
N THR A 138 9.65 -3.22 -1.95
CA THR A 138 10.80 -4.00 -1.50
C THR A 138 10.67 -4.43 -0.05
N ASN A 139 9.92 -3.67 0.74
CA ASN A 139 9.72 -4.05 2.14
C ASN A 139 8.73 -5.23 2.21
N ALA A 140 7.72 -5.22 1.35
CA ALA A 140 6.73 -6.29 1.32
C ALA A 140 7.39 -7.58 0.85
N TYR A 141 8.40 -7.44 0.00
CA TYR A 141 9.13 -8.60 -0.52
C TYR A 141 9.99 -9.23 0.59
N ILE A 142 10.73 -8.38 1.29
CA ILE A 142 11.59 -8.80 2.38
C ILE A 142 10.71 -9.58 3.34
N ALA A 143 9.67 -8.92 3.85
CA ALA A 143 8.75 -9.52 4.80
C ALA A 143 8.22 -10.84 4.27
N MET A 144 7.79 -10.84 3.01
CA MET A 144 7.27 -12.06 2.38
C MET A 144 8.30 -13.21 2.41
N LYS A 145 9.51 -12.91 1.98
CA LYS A 145 10.58 -13.90 1.95
C LYS A 145 10.92 -14.38 3.35
N SER A 146 10.74 -13.53 4.34
CA SER A 146 11.02 -13.87 5.73
C SER A 146 9.87 -14.67 6.38
N ALA A 147 8.79 -14.90 5.63
CA ALA A 147 7.65 -15.64 6.13
C ALA A 147 7.30 -16.84 5.26
N PRO A 148 8.18 -17.85 5.23
CA PRO A 148 7.96 -19.05 4.42
C PRO A 148 6.75 -19.93 4.78
N SER A 149 6.18 -19.78 5.97
CA SER A 149 5.02 -20.59 6.33
C SER A 149 3.72 -19.97 5.79
N LEU A 150 3.74 -18.66 5.57
CA LEU A 150 2.59 -17.96 5.02
C LEU A 150 2.65 -17.94 3.48
N PRO A 151 1.47 -17.82 2.83
CA PRO A 151 1.41 -17.79 1.37
C PRO A 151 1.91 -16.41 0.86
N ALA A 152 2.80 -16.44 -0.12
CA ALA A 152 3.35 -15.22 -0.68
C ALA A 152 2.31 -14.18 -1.06
N LYS A 153 1.28 -14.61 -1.79
CA LYS A 153 0.23 -13.71 -2.25
C LYS A 153 -0.40 -12.85 -1.17
N ASN A 154 -0.22 -13.23 0.09
CA ASN A 154 -0.77 -12.44 1.18
C ASN A 154 0.08 -11.23 1.48
N PHE A 155 1.26 -11.14 0.86
CA PHE A 155 2.15 -10.00 1.08
C PHE A 155 2.06 -8.96 -0.03
N THR A 156 1.31 -7.89 0.23
CA THR A 156 1.12 -6.83 -0.74
C THR A 156 1.76 -5.50 -0.32
N ALA A 157 1.80 -4.58 -1.28
CA ALA A 157 2.36 -3.26 -1.09
C ALA A 157 1.38 -2.25 -1.70
N MET A 158 1.26 -1.10 -1.05
CA MET A 158 0.34 -0.08 -1.50
C MET A 158 0.75 0.76 -2.71
N LEU A 159 -0.03 0.59 -3.77
CA LEU A 159 0.13 1.34 -5.01
C LEU A 159 -1.19 2.13 -5.18
N ARG A 160 -2.10 1.95 -4.22
CA ARG A 160 -3.40 2.61 -4.23
C ARG A 160 -3.36 4.14 -4.04
N LEU A 161 -2.26 4.70 -3.56
CA LEU A 161 -2.19 6.16 -3.43
C LEU A 161 -1.92 6.74 -4.82
N ASP A 162 -1.02 6.10 -5.57
CA ASP A 162 -0.68 6.51 -6.92
C ASP A 162 -1.91 6.32 -7.83
N HIS A 163 -2.69 5.28 -7.53
CA HIS A 163 -3.90 4.96 -8.27
C HIS A 163 -4.97 6.02 -8.04
N ASN A 164 -5.15 6.43 -6.80
CA ASN A 164 -6.17 7.43 -6.48
C ASN A 164 -5.75 8.82 -6.94
N ARG A 165 -4.45 9.02 -7.06
CA ARG A 165 -3.91 10.29 -7.56
C ARG A 165 -4.07 10.38 -9.09
N ALA A 166 -3.90 9.26 -9.79
CA ALA A 166 -4.07 9.18 -11.24
C ALA A 166 -5.55 9.32 -11.50
N LEU A 167 -6.34 8.80 -10.56
CA LEU A 167 -7.80 8.83 -10.60
C LEU A 167 -8.27 10.28 -10.43
N SER A 168 -7.53 11.04 -9.65
CA SER A 168 -7.84 12.44 -9.38
C SER A 168 -7.47 13.32 -10.58
N GLN A 169 -6.29 13.09 -11.15
CA GLN A 169 -5.82 13.85 -12.30
C GLN A 169 -6.72 13.74 -13.53
N ILE A 170 -7.26 12.54 -13.74
CA ILE A 170 -8.11 12.26 -14.89
C ILE A 170 -9.48 12.92 -14.80
N ALA A 171 -10.05 12.91 -13.60
CA ALA A 171 -11.36 13.52 -13.38
C ALA A 171 -11.20 15.02 -13.54
N ALA A 172 -10.05 15.52 -13.09
CA ALA A 172 -9.73 16.94 -13.19
C ALA A 172 -9.64 17.39 -14.64
N LYS A 173 -8.93 16.60 -15.44
CA LYS A 173 -8.72 16.87 -16.84
C LYS A 173 -10.01 16.74 -17.64
N THR A 174 -10.72 15.65 -17.39
CA THR A 174 -11.97 15.36 -18.10
C THR A 174 -13.17 16.12 -17.56
N GLY A 175 -13.01 16.72 -16.39
CA GLY A 175 -14.09 17.45 -15.75
C GLY A 175 -15.16 16.45 -15.36
N LYS A 176 -14.80 15.16 -15.39
CA LYS A 176 -15.75 14.11 -15.05
C LYS A 176 -15.61 13.67 -13.60
N PRO A 177 -16.70 13.16 -13.02
CA PRO A 177 -16.62 12.72 -11.62
C PRO A 177 -15.62 11.57 -11.53
N VAL A 178 -14.75 11.66 -10.52
CA VAL A 178 -13.72 10.67 -10.26
C VAL A 178 -14.33 9.33 -9.92
N SER A 179 -15.59 9.39 -9.53
CA SER A 179 -16.34 8.21 -9.16
C SER A 179 -16.71 7.38 -10.37
N SER A 180 -16.71 8.01 -11.55
CA SER A 180 -17.10 7.34 -12.79
C SER A 180 -15.97 6.81 -13.65
N ILE A 181 -14.74 7.06 -13.25
CA ILE A 181 -13.60 6.61 -14.00
C ILE A 181 -13.42 5.12 -13.81
N GLU A 182 -13.56 4.37 -14.89
CA GLU A 182 -13.41 2.93 -14.90
C GLU A 182 -12.06 2.53 -15.53
N LYS A 183 -11.62 1.34 -15.15
CA LYS A 183 -10.40 0.71 -15.65
C LYS A 183 -9.04 1.37 -15.57
N LEU A 184 -8.87 2.38 -14.73
CA LEU A 184 -7.53 3.00 -14.62
C LEU A 184 -6.71 2.11 -13.68
N PHE A 185 -5.39 2.16 -13.83
CA PHE A 185 -4.47 1.36 -13.02
C PHE A 185 -3.05 1.89 -13.06
N VAL A 186 -2.16 1.23 -12.32
CA VAL A 186 -0.76 1.66 -12.20
C VAL A 186 0.15 0.45 -12.14
N TRP A 187 1.23 0.47 -12.90
CA TRP A 187 2.18 -0.65 -12.90
C TRP A 187 3.43 -0.28 -12.12
N GLY A 188 4.10 -1.31 -11.65
CA GLY A 188 5.37 -1.14 -10.99
C GLY A 188 5.55 -0.75 -9.56
N ASN A 189 6.65 -0.02 -9.36
CA ASN A 189 7.04 0.45 -8.05
C ASN A 189 6.28 1.67 -7.58
N HIS A 190 6.14 1.77 -6.27
CA HIS A 190 5.51 2.92 -5.67
C HIS A 190 6.67 3.90 -5.59
N SER A 191 6.88 4.63 -6.68
CA SER A 191 7.95 5.61 -6.75
C SER A 191 7.56 6.57 -7.86
N PRO A 192 8.39 7.57 -8.15
CA PRO A 192 7.99 8.47 -9.22
C PRO A 192 8.12 7.67 -10.52
N THR A 193 8.87 6.57 -10.42
CA THR A 193 9.13 5.66 -11.52
C THR A 193 7.87 4.83 -11.90
N MET A 194 6.79 4.99 -11.12
CA MET A 194 5.54 4.26 -11.36
C MET A 194 4.96 4.62 -12.73
N TYR A 195 4.10 3.75 -13.26
CA TYR A 195 3.51 4.00 -14.57
C TYR A 195 1.99 3.95 -14.57
N ALA A 196 1.36 5.11 -14.45
CA ALA A 196 -0.09 5.22 -14.47
C ALA A 196 -0.54 5.00 -15.92
N ASP A 197 -1.31 3.94 -16.13
CA ASP A 197 -1.75 3.55 -17.46
C ASP A 197 -3.21 3.91 -17.71
N TYR A 198 -3.45 4.97 -18.46
CA TYR A 198 -4.81 5.40 -18.75
C TYR A 198 -5.38 4.86 -20.07
N ARG A 199 -4.59 4.08 -20.79
CA ARG A 199 -5.01 3.54 -22.09
C ARG A 199 -6.27 2.70 -22.10
N TYR A 200 -6.62 2.11 -20.96
CA TYR A 200 -7.82 1.27 -20.84
C TYR A 200 -8.99 1.90 -20.06
N ALA A 201 -8.77 3.04 -19.41
CA ALA A 201 -9.80 3.73 -18.63
C ALA A 201 -11.01 4.20 -19.44
N GLN A 202 -12.16 4.24 -18.79
CA GLN A 202 -13.41 4.66 -19.44
C GLN A 202 -14.33 5.41 -18.48
N ILE A 203 -15.02 6.42 -19.00
CA ILE A 203 -15.98 7.20 -18.21
C ILE A 203 -17.30 7.10 -18.98
N ASP A 204 -18.25 6.36 -18.41
CA ASP A 204 -19.57 6.13 -19.02
C ASP A 204 -19.38 5.29 -20.28
N GLY A 205 -18.41 4.37 -20.24
CA GLY A 205 -18.15 3.52 -21.40
C GLY A 205 -17.23 4.19 -22.40
N ALA A 206 -17.14 5.51 -22.32
CA ALA A 206 -16.30 6.27 -23.22
C ALA A 206 -14.81 6.18 -22.86
N SER A 207 -13.96 6.15 -23.88
CA SER A 207 -12.52 6.08 -23.70
C SER A 207 -11.90 7.39 -23.23
N VAL A 208 -11.38 7.38 -22.01
CA VAL A 208 -10.73 8.55 -21.40
C VAL A 208 -9.59 9.05 -22.30
N LYS A 209 -8.80 8.11 -22.79
CA LYS A 209 -7.66 8.39 -23.64
C LYS A 209 -8.08 9.20 -24.86
N ASP A 210 -9.22 8.83 -25.43
CA ASP A 210 -9.73 9.49 -26.60
C ASP A 210 -10.42 10.82 -26.34
N MET A 211 -10.88 11.03 -25.11
CA MET A 211 -11.51 12.30 -24.74
C MET A 211 -10.40 13.35 -24.69
N ILE A 212 -9.36 13.04 -23.90
CA ILE A 212 -8.21 13.93 -23.74
C ILE A 212 -7.67 14.12 -25.15
N ASN A 213 -7.63 13.01 -25.90
CA ASN A 213 -7.17 13.03 -27.28
C ASN A 213 -5.85 13.80 -27.36
N ASP A 214 -4.95 13.55 -26.42
CA ASP A 214 -3.66 14.22 -26.39
C ASP A 214 -2.63 13.43 -25.58
N ASP A 215 -1.74 12.74 -26.31
CA ASP A 215 -0.68 11.94 -25.72
C ASP A 215 0.46 12.75 -25.12
N ALA A 216 0.58 14.01 -25.52
CA ALA A 216 1.61 14.87 -24.96
C ALA A 216 1.18 15.21 -23.54
N TRP A 217 -0.11 15.16 -23.29
CA TRP A 217 -0.62 15.45 -21.97
C TRP A 217 -0.26 14.24 -21.13
N ASN A 218 -0.43 13.08 -21.72
CA ASN A 218 -0.15 11.84 -21.04
C ASN A 218 1.30 11.78 -20.59
N ARG A 219 2.22 11.77 -21.55
CA ARG A 219 3.64 11.69 -21.28
C ARG A 219 4.21 12.87 -20.48
N ASP A 220 3.77 14.09 -20.80
CA ASP A 220 4.29 15.31 -20.17
C ASP A 220 3.60 15.92 -18.98
N THR A 221 2.35 15.57 -18.74
CA THR A 221 1.61 16.18 -17.65
C THR A 221 1.02 15.21 -16.65
N PHE A 222 0.20 14.29 -17.12
CA PHE A 222 -0.45 13.29 -16.29
C PHE A 222 0.53 12.46 -15.49
N LEU A 223 1.44 11.81 -16.21
CA LEU A 223 2.46 10.94 -15.61
C LEU A 223 3.41 11.62 -14.61
N PRO A 224 3.97 12.79 -14.96
CA PRO A 224 4.88 13.49 -14.05
C PRO A 224 4.17 14.07 -12.81
N THR A 225 2.92 14.49 -12.97
CA THR A 225 2.17 15.06 -11.86
C THR A 225 1.86 13.99 -10.85
N VAL A 226 1.28 12.90 -11.33
CA VAL A 226 0.98 11.77 -10.47
C VAL A 226 2.29 11.30 -9.86
N GLY A 227 3.28 11.06 -10.72
CA GLY A 227 4.58 10.60 -10.27
C GLY A 227 5.27 11.41 -9.19
N LYS A 228 5.06 12.72 -9.18
CA LYS A 228 5.66 13.61 -8.18
C LYS A 228 4.63 14.33 -7.35
N ARG A 229 3.46 13.75 -7.17
CA ARG A 229 2.41 14.37 -6.38
C ARG A 229 2.82 14.45 -4.93
N GLY A 230 3.44 13.39 -4.43
CA GLY A 230 3.87 13.35 -3.06
C GLY A 230 4.72 14.53 -2.68
N ALA A 231 5.71 14.81 -3.50
CA ALA A 231 6.60 15.92 -3.26
C ALA A 231 5.84 17.25 -3.36
N ALA A 232 4.84 17.33 -4.23
CA ALA A 232 4.04 18.56 -4.34
C ALA A 232 3.26 18.78 -3.05
N ILE A 233 2.88 17.70 -2.40
CA ILE A 233 2.16 17.83 -1.14
C ILE A 233 3.10 18.46 -0.09
N ILE A 234 4.37 18.07 -0.15
CA ILE A 234 5.36 18.59 0.78
C ILE A 234 5.70 20.04 0.44
N ASP A 235 5.47 20.44 -0.81
CA ASP A 235 5.73 21.82 -1.24
C ASP A 235 4.66 22.72 -0.61
N ALA A 236 3.43 22.26 -0.66
CA ALA A 236 2.31 23.00 -0.14
C ALA A 236 2.22 22.89 1.38
N ARG A 237 1.95 21.67 1.85
CA ARG A 237 1.79 21.40 3.27
C ARG A 237 2.99 21.55 4.20
N GLY A 238 4.19 21.29 3.69
CA GLY A 238 5.38 21.37 4.52
C GLY A 238 5.61 20.02 5.17
N VAL A 239 4.61 19.14 5.04
CA VAL A 239 4.68 17.80 5.57
C VAL A 239 4.12 16.80 4.55
N SER A 240 4.48 15.54 4.70
CA SER A 240 4.08 14.44 3.81
C SER A 240 2.56 14.31 3.60
N SER A 241 2.13 13.32 2.82
CA SER A 241 0.70 13.13 2.58
C SER A 241 0.08 12.03 3.45
N ALA A 242 -0.01 12.30 4.74
CA ALA A 242 -0.57 11.36 5.70
C ALA A 242 -2.00 10.92 5.44
N ALA A 243 -2.93 11.87 5.42
CA ALA A 243 -4.35 11.61 5.23
C ALA A 243 -4.75 10.86 3.98
N SER A 244 -4.20 11.24 2.82
CA SER A 244 -4.52 10.54 1.58
C SER A 244 -3.90 9.15 1.54
N ALA A 245 -2.71 8.98 2.11
CA ALA A 245 -2.06 7.67 2.13
C ALA A 245 -2.88 6.76 3.01
N ALA A 246 -3.39 7.32 4.09
CA ALA A 246 -4.19 6.55 5.02
C ALA A 246 -5.52 6.10 4.41
N ASN A 247 -6.03 6.86 3.45
CA ASN A 247 -7.28 6.54 2.76
C ASN A 247 -7.03 5.41 1.76
N ALA A 248 -5.86 5.46 1.14
CA ALA A 248 -5.44 4.49 0.16
C ALA A 248 -5.37 3.13 0.78
N ALA A 249 -4.82 3.05 2.00
CA ALA A 249 -4.67 1.80 2.75
C ALA A 249 -6.03 1.26 3.14
N ILE A 250 -6.94 2.17 3.43
CA ILE A 250 -8.31 1.79 3.79
C ILE A 250 -8.89 1.15 2.53
N ASP A 251 -8.71 1.83 1.39
CA ASP A 251 -9.20 1.36 0.11
C ASP A 251 -8.60 0.02 -0.27
N HIS A 252 -7.28 -0.08 -0.15
CA HIS A 252 -6.57 -1.34 -0.47
C HIS A 252 -7.18 -2.54 0.28
N ILE A 253 -7.16 -2.49 1.62
CA ILE A 253 -7.70 -3.57 2.46
C ILE A 253 -9.18 -3.79 2.26
N HIS A 254 -9.95 -2.71 2.18
CA HIS A 254 -11.38 -2.74 1.97
C HIS A 254 -11.73 -3.47 0.69
N ASP A 255 -11.06 -3.11 -0.40
CA ASP A 255 -11.29 -3.72 -1.70
C ASP A 255 -10.81 -5.15 -1.76
N TRP A 256 -9.64 -5.39 -1.21
CA TRP A 256 -9.05 -6.71 -1.15
C TRP A 256 -10.03 -7.67 -0.44
N VAL A 257 -10.50 -7.24 0.72
CA VAL A 257 -11.44 -7.99 1.57
C VAL A 257 -12.89 -8.01 1.08
N LEU A 258 -13.50 -6.83 0.95
CA LEU A 258 -14.89 -6.76 0.52
C LEU A 258 -15.16 -6.93 -0.98
N GLY A 259 -14.15 -6.77 -1.83
CA GLY A 259 -14.33 -6.94 -3.27
C GLY A 259 -14.58 -5.70 -4.10
N THR A 260 -14.18 -5.73 -5.37
CA THR A 260 -14.36 -4.59 -6.31
C THR A 260 -15.55 -4.80 -7.25
N ALA A 261 -16.22 -5.94 -7.11
CA ALA A 261 -17.38 -6.27 -7.92
C ALA A 261 -17.18 -6.09 -9.41
N GLY A 262 -16.00 -6.41 -9.91
CA GLY A 262 -15.75 -6.28 -11.33
C GLY A 262 -14.83 -5.15 -11.73
N LYS A 263 -14.84 -4.07 -10.96
CA LYS A 263 -13.98 -2.92 -11.21
C LYS A 263 -12.50 -3.33 -11.09
N TRP A 264 -11.61 -2.63 -11.78
CA TRP A 264 -10.18 -2.93 -11.70
C TRP A 264 -9.54 -1.97 -10.73
N THR A 265 -8.56 -2.45 -9.99
CA THR A 265 -7.87 -1.61 -9.04
C THR A 265 -6.38 -1.97 -9.09
N THR A 266 -5.57 -1.26 -8.31
CA THR A 266 -4.13 -1.53 -8.32
C THR A 266 -3.60 -2.07 -7.01
N MET A 267 -2.74 -3.08 -7.12
CA MET A 267 -2.13 -3.69 -5.96
C MET A 267 -0.70 -4.13 -6.24
N GLY A 268 0.18 -3.81 -5.29
CA GLY A 268 1.56 -4.22 -5.41
C GLY A 268 1.53 -5.64 -4.88
N ILE A 269 1.59 -6.61 -5.78
CA ILE A 269 1.50 -7.99 -5.38
C ILE A 269 2.70 -8.73 -5.90
N PRO A 270 2.99 -9.92 -5.33
CA PRO A 270 4.11 -10.75 -5.75
C PRO A 270 3.79 -11.28 -7.14
N SER A 271 4.69 -11.07 -8.08
CA SER A 271 4.49 -11.52 -9.45
C SER A 271 4.41 -13.04 -9.57
N ASP A 272 3.59 -13.48 -10.53
CA ASP A 272 3.43 -14.90 -10.80
C ASP A 272 4.01 -15.10 -12.19
N GLY A 273 4.71 -14.09 -12.68
CA GLY A 273 5.28 -14.16 -14.01
C GLY A 273 4.43 -13.50 -15.10
N SER A 274 3.29 -12.92 -14.73
CA SER A 274 2.40 -12.25 -15.67
C SER A 274 3.07 -10.98 -16.23
N TYR A 275 2.80 -10.68 -17.49
CA TYR A 275 3.36 -9.52 -18.16
C TYR A 275 4.87 -9.53 -18.21
N GLY A 276 5.42 -10.73 -18.07
CA GLY A 276 6.86 -10.90 -18.11
C GLY A 276 7.57 -10.43 -16.86
N ILE A 277 6.82 -10.15 -15.81
CA ILE A 277 7.46 -9.70 -14.57
C ILE A 277 7.96 -10.91 -13.80
N PRO A 278 9.24 -10.88 -13.42
CA PRO A 278 9.85 -11.97 -12.66
C PRO A 278 9.04 -12.34 -11.41
N GLU A 279 8.98 -13.64 -11.10
CA GLU A 279 8.23 -14.11 -9.95
C GLU A 279 8.71 -13.63 -8.59
N GLY A 280 7.77 -13.44 -7.66
CA GLY A 280 8.15 -13.00 -6.33
C GLY A 280 8.52 -11.54 -6.22
N VAL A 281 8.41 -10.82 -7.34
CA VAL A 281 8.69 -9.39 -7.36
C VAL A 281 7.37 -8.68 -7.05
N ILE A 282 7.32 -7.95 -5.93
CA ILE A 282 6.11 -7.20 -5.54
C ILE A 282 5.93 -6.15 -6.62
N PHE A 283 4.80 -6.19 -7.30
CA PHE A 283 4.62 -5.28 -8.43
C PHE A 283 3.23 -4.75 -8.64
N GLY A 284 3.16 -3.47 -8.99
CA GLY A 284 1.88 -2.85 -9.30
C GLY A 284 1.28 -3.56 -10.51
N PHE A 285 0.07 -4.09 -10.35
CA PHE A 285 -0.63 -4.81 -11.41
C PHE A 285 -2.11 -4.44 -11.36
N PRO A 286 -2.78 -4.38 -12.51
CA PRO A 286 -4.19 -4.04 -12.44
C PRO A 286 -4.88 -5.33 -11.98
N VAL A 287 -5.65 -5.30 -10.90
CA VAL A 287 -6.28 -6.52 -10.40
C VAL A 287 -7.77 -6.33 -10.10
N THR A 288 -8.54 -7.42 -10.06
CA THR A 288 -9.95 -7.31 -9.65
C THR A 288 -9.99 -8.20 -8.40
N THR A 289 -10.79 -7.81 -7.41
CA THR A 289 -10.86 -8.60 -6.18
C THR A 289 -12.17 -9.28 -5.97
N GLU A 290 -12.15 -10.39 -5.22
CA GLU A 290 -13.34 -11.16 -4.90
C GLU A 290 -13.05 -12.35 -4.02
N ASN A 291 -13.98 -12.63 -3.11
CA ASN A 291 -13.89 -13.76 -2.18
C ASN A 291 -12.65 -13.66 -1.30
N GLY A 292 -12.16 -12.46 -1.06
CA GLY A 292 -10.98 -12.30 -0.23
C GLY A 292 -9.67 -12.49 -0.97
N GLU A 293 -9.72 -12.46 -2.30
CA GLU A 293 -8.48 -12.58 -3.04
C GLU A 293 -8.46 -11.76 -4.33
N TYR A 294 -7.25 -11.44 -4.78
CA TYR A 294 -7.08 -10.67 -6.01
C TYR A 294 -6.83 -11.54 -7.24
N LYS A 295 -6.89 -10.92 -8.42
CA LYS A 295 -6.70 -11.62 -9.68
C LYS A 295 -6.16 -10.65 -10.75
N ILE A 296 -4.93 -10.86 -11.22
CA ILE A 296 -4.31 -10.00 -12.24
C ILE A 296 -5.12 -9.93 -13.53
N VAL A 297 -5.32 -8.71 -14.04
CA VAL A 297 -6.03 -8.49 -15.32
C VAL A 297 -5.07 -8.90 -16.43
N GLN A 298 -5.50 -9.84 -17.27
CA GLN A 298 -4.66 -10.35 -18.35
C GLN A 298 -5.04 -9.87 -19.72
N GLY A 299 -4.12 -10.09 -20.65
CA GLY A 299 -4.35 -9.71 -22.04
C GLY A 299 -4.18 -8.25 -22.39
N LEU A 300 -3.90 -7.40 -21.43
CA LEU A 300 -3.73 -6.00 -21.73
C LEU A 300 -2.58 -5.85 -22.71
N SER A 301 -2.78 -5.09 -23.77
CA SER A 301 -1.76 -4.86 -24.78
C SER A 301 -0.69 -3.96 -24.22
N ILE A 302 0.56 -4.39 -24.30
CA ILE A 302 1.64 -3.58 -23.79
C ILE A 302 2.46 -3.01 -24.95
N ASP A 303 2.12 -1.80 -25.37
CA ASP A 303 2.82 -1.13 -26.47
C ASP A 303 4.25 -0.74 -26.11
N ALA A 304 4.95 -0.18 -27.10
CA ALA A 304 6.35 0.23 -26.93
C ALA A 304 6.56 1.19 -25.79
N PHE A 305 5.72 2.23 -25.73
CA PHE A 305 5.81 3.22 -24.68
C PHE A 305 5.64 2.56 -23.31
N SER A 306 4.69 1.64 -23.22
CA SER A 306 4.40 0.94 -21.97
C SER A 306 5.46 -0.03 -21.47
N GLN A 307 5.94 -0.93 -22.32
CA GLN A 307 6.96 -1.85 -21.84
C GLN A 307 8.21 -1.08 -21.46
N GLU A 308 8.38 0.09 -22.07
CA GLU A 308 9.52 0.91 -21.77
C GLU A 308 9.39 1.45 -20.33
N ARG A 309 8.20 1.95 -20.02
CA ARG A 309 7.93 2.47 -18.69
C ARG A 309 7.91 1.34 -17.70
N ILE A 310 7.38 0.19 -18.13
CA ILE A 310 7.31 -0.99 -17.27
C ILE A 310 8.72 -1.47 -17.06
N ASN A 311 9.58 -1.13 -17.98
CA ASN A 311 10.97 -1.53 -17.92
C ASN A 311 11.71 -0.77 -16.83
N VAL A 312 11.60 0.55 -16.85
CA VAL A 312 12.24 1.41 -15.86
C VAL A 312 11.79 1.12 -14.42
N THR A 313 10.51 0.81 -14.24
CA THR A 313 10.01 0.53 -12.92
C THR A 313 10.42 -0.86 -12.40
N LEU A 314 10.47 -1.87 -13.26
CA LEU A 314 10.89 -3.20 -12.86
C LEU A 314 12.38 -3.20 -12.51
N ASN A 315 13.15 -2.43 -13.26
CA ASN A 315 14.58 -2.34 -13.07
C ASN A 315 14.96 -1.79 -11.71
N GLU A 316 14.24 -0.74 -11.31
CA GLU A 316 14.42 -0.08 -10.04
C GLU A 316 14.14 -1.07 -8.92
N LEU A 317 13.06 -1.85 -9.11
CA LEU A 317 12.65 -2.88 -8.17
C LEU A 317 13.72 -3.99 -8.12
N LEU A 318 14.18 -4.45 -9.28
CA LEU A 318 15.23 -5.45 -9.33
C LEU A 318 16.50 -4.92 -8.64
N GLU A 319 16.72 -3.60 -8.72
CA GLU A 319 17.87 -2.98 -8.10
C GLU A 319 17.76 -3.08 -6.60
N GLU A 320 16.58 -2.76 -6.09
CA GLU A 320 16.30 -2.78 -4.66
C GLU A 320 16.35 -4.18 -4.07
N GLN A 321 15.93 -5.16 -4.87
CA GLN A 321 15.92 -6.56 -4.48
C GLN A 321 17.36 -7.06 -4.31
N ASN A 322 18.20 -6.68 -5.27
CA ASN A 322 19.61 -7.01 -5.29
C ASN A 322 20.29 -6.51 -4.00
N GLY A 323 19.98 -5.27 -3.61
CA GLY A 323 20.59 -4.71 -2.41
C GLY A 323 20.10 -5.26 -1.08
N VAL A 324 18.94 -5.89 -1.05
CA VAL A 324 18.41 -6.44 0.20
C VAL A 324 18.59 -7.95 0.31
N GLN A 325 19.14 -8.54 -0.74
CA GLN A 325 19.36 -9.98 -0.75
C GLN A 325 20.25 -10.43 0.40
N HIS A 326 21.33 -9.72 0.65
CA HIS A 326 22.27 -10.08 1.70
C HIS A 326 21.69 -10.11 3.13
N LEU A 327 20.49 -9.56 3.30
CA LEU A 327 19.83 -9.56 4.59
C LEU A 327 18.88 -10.74 4.66
N LEU A 328 18.66 -11.38 3.51
CA LEU A 328 17.78 -12.53 3.39
C LEU A 328 18.57 -13.83 3.37
N GLY A 329 19.60 -13.92 4.21
CA GLY A 329 20.39 -15.13 4.27
C GLY A 329 19.63 -16.35 4.78
#